data_8SON
#
_entry.id   8SON
#
_cell.length_a   68.534
_cell.length_b   68.827
_cell.length_c   89.329
_cell.angle_alpha   90.00
_cell.angle_beta   90.00
_cell.angle_gamma   90.00
#
_symmetry.space_group_name_H-M   'P 21 21 21'
#
loop_
_entity.id
_entity.type
_entity.pdbx_description
1 polymer 'Macrophage migration inhibitory factor'
2 non-polymer GLYCEROL
3 non-polymer 'SULFATE ION'
4 non-polymer (2R)-3-[(2-chlorophenyl)amino]-2-cyano-3-thioxo-N-[3-(trifluoromethyl)phenyl]propanamide
5 water water
#
_entity_poly.entity_id   1
_entity_poly.type   'polypeptide(L)'
_entity_poly.pdbx_seq_one_letter_code
;PMFIVNTNVPRASVPDGFLSELTQQLAQATGKPPQYIAVHVVPDQLMAFGGSSEPCALCSLHSIGKIGGAQNRSYSKLLC
GLLAERLRISPDRVYINYYDMNAANVGWNNSTFA
;
_entity_poly.pdbx_strand_id   A,B,C
#
loop_
_chem_comp.id
_chem_comp.type
_chem_comp.name
_chem_comp.formula
30Y non-polymer (2R)-3-[(2-chlorophenyl)amino]-2-cyano-3-thioxo-N-[3-(trifluoromethyl)phenyl]propanamide 'C17 H11 Cl F3 N3 O S'
GOL non-polymer GLYCEROL 'C3 H8 O3'
SO4 non-polymer 'SULFATE ION' 'O4 S -2'
#
# COMPACT_ATOMS: atom_id res chain seq x y z
N PRO A 1 -8.29 0.80 13.41
CA PRO A 1 -6.93 1.13 12.93
C PRO A 1 -6.27 -0.07 12.29
N MET A 2 -5.33 0.18 11.40
CA MET A 2 -4.75 -0.90 10.65
C MET A 2 -3.28 -0.63 10.42
N PHE A 3 -2.48 -1.64 10.71
CA PHE A 3 -1.04 -1.55 10.63
C PHE A 3 -0.51 -2.59 9.65
N ILE A 4 0.28 -2.12 8.70
CA ILE A 4 0.90 -2.98 7.69
C ILE A 4 2.42 -2.86 7.81
N VAL A 5 3.12 -3.97 7.78
CA VAL A 5 4.62 -3.98 7.73
C VAL A 5 5.08 -4.82 6.56
N ASN A 6 5.86 -4.21 5.71
CA ASN A 6 6.51 -4.89 4.61
C ASN A 6 8.01 -4.96 4.92
N THR A 7 8.58 -6.15 4.82
CA THR A 7 9.95 -6.34 5.25
C THR A 7 10.67 -7.42 4.41
N ASN A 8 11.97 -7.25 4.31
CA ASN A 8 12.84 -8.27 3.67
C ASN A 8 13.23 -9.38 4.63
N VAL A 9 12.84 -9.31 5.89
CA VAL A 9 13.09 -10.41 6.85
C VAL A 9 12.36 -11.61 6.34
N PRO A 10 12.99 -12.82 6.44
CA PRO A 10 12.24 -13.99 5.99
C PRO A 10 11.10 -14.38 6.88
N ARG A 11 10.14 -15.12 6.33
CA ARG A 11 8.95 -15.59 7.04
C ARG A 11 9.30 -16.36 8.30
N ALA A 12 10.33 -17.22 8.21
CA ALA A 12 10.72 -18.03 9.37
C ALA A 12 11.19 -17.25 10.55
N SER A 13 11.66 -16.00 10.34
CA SER A 13 12.06 -15.13 11.39
C SER A 13 10.95 -14.27 12.00
N VAL A 14 9.72 -14.42 11.53
CA VAL A 14 8.60 -13.77 12.20
C VAL A 14 8.12 -14.70 13.33
N PRO A 15 8.22 -14.26 14.60
CA PRO A 15 7.97 -15.24 15.69
C PRO A 15 6.50 -15.57 15.78
N ASP A 16 6.26 -16.75 16.32
CA ASP A 16 4.87 -17.15 16.61
C ASP A 16 4.25 -16.11 17.53
N GLY A 17 3.00 -15.79 17.27
CA GLY A 17 2.25 -14.84 18.08
C GLY A 17 2.42 -13.36 17.68
N PHE A 18 3.29 -13.07 16.74
CA PHE A 18 3.61 -11.63 16.44
C PHE A 18 2.37 -10.83 16.06
N LEU A 19 1.46 -11.42 15.25
CA LEU A 19 0.28 -10.64 14.88
C LEU A 19 -0.63 -10.35 16.05
N SER A 20 -0.70 -11.28 17.00
CA SER A 20 -1.45 -11.01 18.22
C SER A 20 -0.80 -9.97 19.14
N GLU A 21 0.53 -9.95 19.22
CA GLU A 21 1.23 -8.96 19.96
C GLU A 21 1.00 -7.56 19.37
N LEU A 22 1.14 -7.45 18.04
CA LEU A 22 0.93 -6.15 17.38
C LEU A 22 -0.51 -5.70 17.67
N THR A 23 -1.48 -6.61 17.57
CA THR A 23 -2.90 -6.25 17.80
C THR A 23 -3.10 -5.66 19.19
N GLN A 24 -2.56 -6.35 20.19
CA GLN A 24 -2.72 -5.88 21.54
C GLN A 24 -2.08 -4.51 21.79
N GLN A 25 -0.85 -4.39 21.34
CA GLN A 25 -0.07 -3.18 21.61
C GLN A 25 -0.68 -2.00 20.87
N LEU A 26 -1.18 -2.24 19.62
CA LEU A 26 -1.86 -1.14 18.93
C LEU A 26 -3.20 -0.76 19.52
N ALA A 27 -3.97 -1.74 20.02
CA ALA A 27 -5.20 -1.44 20.73
C ALA A 27 -4.90 -0.53 21.90
N GLN A 28 -3.91 -0.89 22.70
CA GLN A 28 -3.55 -0.05 23.80
C GLN A 28 -3.06 1.32 23.41
N ALA A 29 -2.27 1.39 22.36
CA ALA A 29 -1.64 2.66 21.96
C ALA A 29 -2.68 3.63 21.44
N THR A 30 -3.64 3.12 20.67
CA THR A 30 -4.66 3.99 20.03
C THR A 30 -5.88 4.13 20.95
N GLY A 31 -5.95 3.37 22.05
CA GLY A 31 -7.11 3.43 22.95
C GLY A 31 -8.34 2.72 22.48
N LYS A 32 -8.22 2.00 21.38
CA LYS A 32 -9.33 1.37 20.65
C LYS A 32 -9.43 -0.05 21.06
N PRO A 33 -10.65 -0.60 20.99
CA PRO A 33 -10.79 -1.98 21.39
C PRO A 33 -9.98 -2.87 20.38
N PRO A 34 -9.45 -4.03 20.83
CA PRO A 34 -8.71 -4.84 19.89
C PRO A 34 -9.55 -5.33 18.73
N GLN A 35 -10.88 -5.41 18.90
CA GLN A 35 -11.75 -5.80 17.82
C GLN A 35 -11.65 -4.86 16.61
N TYR A 36 -11.17 -3.65 16.85
CA TYR A 36 -11.06 -2.66 15.79
C TYR A 36 -9.72 -2.67 15.04
N ILE A 37 -8.79 -3.47 15.50
CA ILE A 37 -7.41 -3.40 15.02
C ILE A 37 -7.18 -4.50 13.97
N ALA A 38 -6.63 -4.11 12.81
CA ALA A 38 -6.18 -5.09 11.82
C ALA A 38 -4.69 -4.92 11.61
N VAL A 39 -4.04 -6.06 11.41
CA VAL A 39 -2.58 -6.12 11.23
C VAL A 39 -2.23 -7.00 10.05
N HIS A 40 -1.18 -6.62 9.37
CA HIS A 40 -0.78 -7.33 8.14
C HIS A 40 0.73 -7.28 8.05
N VAL A 41 1.35 -8.47 8.00
CA VAL A 41 2.83 -8.59 7.93
C VAL A 41 3.23 -9.29 6.66
N VAL A 42 4.13 -8.67 5.91
CA VAL A 42 4.52 -9.18 4.60
C VAL A 42 6.05 -9.37 4.59
N PRO A 43 6.52 -10.59 4.82
CA PRO A 43 7.93 -10.90 4.83
C PRO A 43 8.46 -11.25 3.47
N ASP A 44 9.77 -11.50 3.43
CA ASP A 44 10.45 -12.00 2.20
C ASP A 44 10.40 -11.04 1.05
N GLN A 45 10.32 -9.74 1.33
CA GLN A 45 10.20 -8.78 0.27
C GLN A 45 11.58 -8.34 -0.33
N LEU A 46 11.54 -8.01 -1.59
CA LEU A 46 12.68 -7.46 -2.34
C LEU A 46 12.69 -5.96 -2.06
N MET A 47 13.53 -5.54 -1.13
CA MET A 47 13.64 -4.14 -0.77
C MET A 47 15.07 -3.73 -0.54
N ALA A 48 15.27 -2.42 -0.56
CA ALA A 48 16.53 -1.76 -0.15
C ALA A 48 16.18 -0.52 0.61
N PHE A 49 17.03 -0.20 1.59
CA PHE A 49 16.85 0.99 2.39
C PHE A 49 18.21 1.66 2.47
N GLY A 50 18.26 2.88 1.99
CA GLY A 50 19.51 3.66 2.01
C GLY A 50 20.57 3.03 1.15
N GLY A 51 20.19 2.25 0.15
CA GLY A 51 21.09 1.56 -0.73
C GLY A 51 21.57 0.16 -0.28
N SER A 52 21.07 -0.35 0.83
CA SER A 52 21.51 -1.61 1.44
C SER A 52 20.32 -2.58 1.57
N SER A 53 20.63 -3.89 1.49
CA SER A 53 19.63 -5.01 1.64
C SER A 53 19.61 -5.55 3.08
N GLU A 54 20.26 -4.88 4.03
CA GLU A 54 20.22 -5.24 5.39
C GLU A 54 18.72 -5.15 5.85
N PRO A 55 18.36 -5.91 6.89
CA PRO A 55 16.92 -5.91 7.27
C PRO A 55 16.36 -4.50 7.39
N CYS A 56 15.15 -4.31 6.87
CA CYS A 56 14.46 -3.04 6.91
C CYS A 56 12.96 -3.28 6.83
N ALA A 57 12.19 -2.19 7.03
CA ALA A 57 10.73 -2.27 6.97
C ALA A 57 10.15 -1.00 6.46
N LEU A 58 9.09 -1.17 5.68
CA LEU A 58 8.26 -0.06 5.22
C LEU A 58 6.86 -0.34 5.70
N CYS A 59 6.29 0.59 6.46
CA CYS A 59 5.08 0.30 7.23
C CYS A 59 4.07 1.44 7.09
N SER A 60 2.83 1.17 7.44
CA SER A 60 1.80 2.24 7.52
C SER A 60 0.87 1.97 8.68
N LEU A 61 0.36 3.07 9.25
CA LEU A 61 -0.71 2.98 10.27
C LEU A 61 -1.80 3.95 9.82
N HIS A 62 -3.00 3.41 9.59
CA HIS A 62 -4.17 4.20 9.28
C HIS A 62 -5.12 4.17 10.45
N SER A 63 -5.67 5.31 10.80
CA SER A 63 -6.69 5.39 11.85
C SER A 63 -7.62 6.57 11.55
N ILE A 64 -8.85 6.43 12.01
CA ILE A 64 -9.75 7.58 12.00
C ILE A 64 -9.45 8.34 13.33
N GLY A 65 -8.74 9.47 13.22
CA GLY A 65 -8.25 10.12 14.39
C GLY A 65 -7.19 9.33 15.12
N LYS A 66 -6.83 9.81 16.31
CA LYS A 66 -5.74 9.26 17.07
C LYS A 66 -4.38 9.34 16.36
N ILE A 67 -4.23 10.33 15.50
CA ILE A 67 -3.03 10.58 14.68
C ILE A 67 -2.64 12.00 14.95
N GLY A 68 -1.41 12.27 15.23
CA GLY A 68 -0.94 13.62 15.43
C GLY A 68 0.51 13.63 15.83
N GLY A 69 1.06 14.84 16.02
CA GLY A 69 2.48 14.90 16.28
C GLY A 69 3.01 14.01 17.44
N ALA A 70 2.47 14.25 18.63
CA ALA A 70 2.95 13.50 19.80
C ALA A 70 2.53 12.04 19.75
N GLN A 71 1.31 11.81 19.31
CA GLN A 71 0.83 10.40 19.18
C GLN A 71 1.73 9.62 18.24
N ASN A 72 2.06 10.25 17.12
CA ASN A 72 2.86 9.51 16.13
C ASN A 72 4.30 9.25 16.56
N ARG A 73 4.88 10.16 17.34
CA ARG A 73 6.17 9.89 17.97
C ARG A 73 6.06 8.65 18.90
N SER A 74 5.00 8.61 19.67
CA SER A 74 4.77 7.46 20.56
C SER A 74 4.53 6.14 19.83
N TYR A 75 3.74 6.18 18.77
CA TYR A 75 3.57 4.98 17.94
C TYR A 75 4.87 4.54 17.36
N SER A 76 5.71 5.49 16.93
CA SER A 76 6.99 5.14 16.28
C SER A 76 7.92 4.40 17.28
N LYS A 77 7.98 4.91 18.49
CA LYS A 77 8.80 4.26 19.51
C LYS A 77 8.28 2.85 19.80
N LEU A 78 6.97 2.71 19.93
CA LEU A 78 6.38 1.40 20.19
C LEU A 78 6.65 0.41 19.05
N LEU A 79 6.41 0.88 17.82
CA LEU A 79 6.47 0.00 16.68
C LEU A 79 7.87 -0.30 16.29
N CYS A 80 8.75 0.67 16.31
CA CYS A 80 10.16 0.38 16.06
C CYS A 80 10.71 -0.59 17.13
N GLY A 81 10.29 -0.39 18.37
CA GLY A 81 10.69 -1.29 19.46
C GLY A 81 10.32 -2.73 19.20
N LEU A 82 9.07 -2.94 18.73
CA LEU A 82 8.64 -4.27 18.36
C LEU A 82 9.34 -4.84 17.18
N LEU A 83 9.59 -4.05 16.14
CA LEU A 83 10.29 -4.55 14.99
C LEU A 83 11.76 -4.90 15.35
N ALA A 84 12.37 -4.11 16.25
CA ALA A 84 13.80 -4.37 16.65
C ALA A 84 13.81 -5.68 17.47
N GLU A 85 12.92 -5.75 18.44
CA GLU A 85 12.96 -6.90 19.44
C GLU A 85 12.56 -8.17 18.70
N ARG A 86 11.53 -8.14 17.83
CA ARG A 86 10.94 -9.39 17.32
C ARG A 86 11.45 -9.77 15.97
N LEU A 87 11.78 -8.78 15.10
CA LEU A 87 12.26 -9.07 13.76
C LEU A 87 13.72 -8.67 13.54
N ARG A 88 14.37 -8.17 14.57
CA ARG A 88 15.78 -7.74 14.54
C ARG A 88 16.06 -6.69 13.48
N ILE A 89 15.09 -5.79 13.28
CA ILE A 89 15.26 -4.69 12.33
C ILE A 89 15.67 -3.43 13.10
N SER A 90 16.79 -2.82 12.68
CA SER A 90 17.19 -1.56 13.30
C SER A 90 16.14 -0.47 13.15
N PRO A 91 15.89 0.32 14.19
CA PRO A 91 14.89 1.40 14.07
C PRO A 91 15.22 2.38 12.98
N ASP A 92 16.51 2.53 12.64
CA ASP A 92 16.89 3.54 11.62
C ASP A 92 16.72 2.98 10.21
N ARG A 93 16.15 1.78 10.09
CA ARG A 93 15.88 1.18 8.78
C ARG A 93 14.38 0.89 8.65
N VAL A 94 13.59 1.70 9.33
CA VAL A 94 12.11 1.62 9.31
C VAL A 94 11.51 2.94 8.95
N TYR A 95 10.59 2.96 7.97
CA TYR A 95 9.68 4.12 7.81
C TYR A 95 8.27 3.67 8.12
N ILE A 96 7.53 4.51 8.81
CA ILE A 96 6.12 4.29 9.09
C ILE A 96 5.36 5.50 8.65
N ASN A 97 4.48 5.30 7.66
CA ASN A 97 3.65 6.38 7.22
C ASN A 97 2.34 6.35 7.96
N TYR A 98 1.97 7.50 8.52
CA TYR A 98 0.75 7.68 9.28
C TYR A 98 -0.30 8.43 8.53
N TYR A 99 -1.53 7.91 8.58
CA TYR A 99 -2.67 8.42 7.84
C TYR A 99 -3.84 8.62 8.78
N ASP A 100 -4.26 9.89 8.87
CA ASP A 100 -5.48 10.25 9.64
C ASP A 100 -6.63 10.24 8.64
N MET A 101 -7.42 9.18 8.65
CA MET A 101 -8.48 9.00 7.68
C MET A 101 -9.78 9.67 8.11
N ASN A 102 -10.43 10.34 7.18
CA ASN A 102 -11.79 10.82 7.41
C ASN A 102 -12.72 9.65 7.48
N ALA A 103 -13.67 9.65 8.44
CA ALA A 103 -14.58 8.56 8.58
C ALA A 103 -15.34 8.25 7.26
N ALA A 104 -15.64 9.30 6.50
CA ALA A 104 -16.36 9.12 5.23
C ALA A 104 -15.53 8.35 4.19
N ASN A 105 -14.25 8.25 4.43
CA ASN A 105 -13.29 7.62 3.51
C ASN A 105 -12.83 6.26 3.97
N VAL A 106 -13.55 5.67 4.92
CA VAL A 106 -13.24 4.30 5.39
C VAL A 106 -14.50 3.45 5.33
N GLY A 107 -14.45 2.46 4.44
CA GLY A 107 -15.48 1.46 4.31
C GLY A 107 -15.31 0.24 5.17
N TRP A 108 -16.46 -0.28 5.62
CA TRP A 108 -16.50 -1.45 6.50
C TRP A 108 -17.97 -1.90 6.57
N ASN A 109 -18.15 -3.21 6.50
CA ASN A 109 -19.51 -3.78 6.70
C ASN A 109 -20.59 -3.07 5.85
N ASN A 110 -20.34 -2.98 4.54
CA ASN A 110 -21.34 -2.51 3.60
C ASN A 110 -21.64 -1.01 3.64
N SER A 111 -20.81 -0.28 4.38
CA SER A 111 -21.01 1.13 4.48
C SER A 111 -19.72 1.86 4.83
N THR A 112 -19.81 3.07 5.33
CA THR A 112 -18.64 3.79 5.82
C THR A 112 -18.85 4.21 7.26
N PHE A 113 -17.79 4.67 7.92
CA PHE A 113 -17.90 5.09 9.33
C PHE A 113 -18.50 6.48 9.52
N ALA A 114 -18.76 7.24 8.47
CA ALA A 114 -19.30 8.61 8.66
C ALA A 114 -20.71 8.52 9.28
N PRO B 1 12.60 9.47 0.96
CA PRO B 1 11.59 9.06 -0.06
C PRO B 1 11.57 7.59 -0.28
N MET B 2 10.39 7.11 -0.64
CA MET B 2 10.24 5.69 -0.79
C MET B 2 9.42 5.39 -2.02
N PHE B 3 9.92 4.44 -2.80
CA PHE B 3 9.26 4.01 -4.03
C PHE B 3 8.90 2.55 -3.98
N ILE B 4 7.66 2.24 -4.30
CA ILE B 4 7.16 0.86 -4.34
C ILE B 4 6.59 0.59 -5.75
N VAL B 5 6.96 -0.52 -6.30
CA VAL B 5 6.37 -0.97 -7.56
C VAL B 5 5.81 -2.36 -7.40
N ASN B 6 4.53 -2.51 -7.71
CA ASN B 6 3.87 -3.81 -7.69
C ASN B 6 3.57 -4.17 -9.14
N THR B 7 3.94 -5.37 -9.54
CA THR B 7 3.85 -5.79 -10.95
C THR B 7 3.54 -7.22 -11.10
N ASN B 8 2.90 -7.54 -12.27
CA ASN B 8 2.66 -8.93 -12.63
C ASN B 8 3.80 -9.55 -13.42
N VAL B 9 4.86 -8.75 -13.70
CA VAL B 9 6.09 -9.31 -14.32
C VAL B 9 6.68 -10.35 -13.39
N PRO B 10 7.15 -11.48 -13.90
CA PRO B 10 7.74 -12.45 -12.98
C PRO B 10 9.07 -12.03 -12.37
N ARG B 11 9.41 -12.65 -11.26
CA ARG B 11 10.60 -12.26 -10.50
C ARG B 11 11.87 -12.45 -11.33
N ALA B 12 11.90 -13.51 -12.12
CA ALA B 12 13.12 -13.80 -12.93
C ALA B 12 13.37 -12.71 -13.95
N SER B 13 12.35 -11.93 -14.33
CA SER B 13 12.48 -10.80 -15.24
C SER B 13 12.93 -9.48 -14.62
N VAL B 14 13.14 -9.41 -13.38
CA VAL B 14 13.65 -8.23 -12.70
C VAL B 14 15.18 -8.36 -12.68
N PRO B 15 15.88 -7.47 -13.29
CA PRO B 15 17.36 -7.63 -13.40
C PRO B 15 18.12 -7.43 -12.13
N ASP B 16 19.26 -8.10 -11.96
CA ASP B 16 19.98 -8.09 -10.69
C ASP B 16 20.24 -6.74 -9.98
N GLY B 17 20.56 -5.73 -10.75
CA GLY B 17 20.86 -4.43 -10.13
C GLY B 17 19.72 -3.44 -10.07
N PHE B 18 18.50 -3.94 -10.23
CA PHE B 18 17.39 -3.05 -10.41
C PHE B 18 17.14 -2.18 -9.15
N LEU B 19 17.17 -2.79 -7.96
CA LEU B 19 16.92 -1.99 -6.79
C LEU B 19 18.01 -0.91 -6.59
N SER B 20 19.27 -1.29 -6.88
CA SER B 20 20.35 -0.28 -6.84
C SER B 20 20.16 0.85 -7.83
N GLU B 21 19.69 0.51 -9.05
CA GLU B 21 19.42 1.52 -10.03
C GLU B 21 18.31 2.49 -9.60
N LEU B 22 17.22 1.92 -9.11
CA LEU B 22 16.13 2.78 -8.62
C LEU B 22 16.64 3.69 -7.50
N THR B 23 17.46 3.16 -6.59
CA THR B 23 17.99 3.96 -5.47
C THR B 23 18.80 5.15 -5.97
N GLN B 24 19.73 4.86 -6.89
CA GLN B 24 20.56 5.89 -7.43
C GLN B 24 19.79 6.93 -8.23
N GLN B 25 18.85 6.47 -9.09
CA GLN B 25 18.07 7.39 -9.85
C GLN B 25 17.16 8.28 -9.04
N LEU B 26 16.54 7.69 -7.99
CA LEU B 26 15.68 8.46 -7.14
C LEU B 26 16.41 9.43 -6.23
N ALA B 27 17.62 9.05 -5.78
CA ALA B 27 18.47 9.97 -5.08
C ALA B 27 18.74 11.21 -5.92
N GLN B 28 19.13 11.00 -7.20
CA GLN B 28 19.34 12.13 -8.10
C GLN B 28 18.08 12.92 -8.32
N ALA B 29 16.96 12.22 -8.56
CA ALA B 29 15.70 12.90 -8.93
C ALA B 29 15.09 13.77 -7.80
N THR B 30 15.19 13.26 -6.57
CA THR B 30 14.73 13.98 -5.40
C THR B 30 15.78 14.89 -4.78
N GLY B 31 17.01 14.83 -5.28
CA GLY B 31 18.05 15.70 -4.75
C GLY B 31 18.64 15.33 -3.41
N LYS B 32 18.49 14.06 -3.06
CA LYS B 32 18.91 13.58 -1.73
C LYS B 32 20.01 12.54 -1.86
N PRO B 33 20.82 12.40 -0.80
CA PRO B 33 21.74 11.29 -0.73
C PRO B 33 20.99 9.96 -0.67
N PRO B 34 21.66 8.92 -1.06
CA PRO B 34 21.05 7.63 -1.14
C PRO B 34 20.58 7.08 0.22
N GLN B 35 21.10 7.54 1.39
CA GLN B 35 20.69 7.12 2.68
C GLN B 35 19.19 7.34 2.86
N TYR B 36 18.64 8.30 2.13
CA TYR B 36 17.29 8.80 2.35
C TYR B 36 16.28 8.02 1.52
N ILE B 37 16.74 7.10 0.71
CA ILE B 37 15.90 6.45 -0.31
C ILE B 37 15.64 5.00 0.04
N ALA B 38 14.37 4.60 0.00
CA ALA B 38 14.01 3.23 0.14
C ALA B 38 13.21 2.80 -1.09
N VAL B 39 13.45 1.56 -1.50
CA VAL B 39 12.84 0.99 -2.72
C VAL B 39 12.32 -0.41 -2.48
N HIS B 40 11.21 -0.73 -3.12
CA HIS B 40 10.55 -2.02 -2.86
C HIS B 40 9.89 -2.46 -4.17
N VAL B 41 10.25 -3.67 -4.62
CA VAL B 41 9.73 -4.22 -5.85
C VAL B 41 9.02 -5.52 -5.56
N VAL B 42 7.78 -5.63 -6.04
CA VAL B 42 6.93 -6.76 -5.77
C VAL B 42 6.46 -7.38 -7.06
N PRO B 43 7.17 -8.43 -7.49
CA PRO B 43 6.77 -9.07 -8.75
C PRO B 43 5.73 -10.15 -8.55
N ASP B 44 5.39 -10.85 -9.67
CA ASP B 44 4.54 -12.02 -9.66
C ASP B 44 3.09 -11.73 -9.17
N GLN B 45 2.64 -10.48 -9.27
CA GLN B 45 1.34 -10.10 -8.72
C GLN B 45 0.19 -10.45 -9.63
N LEU B 46 -0.95 -10.74 -9.02
CA LEU B 46 -2.21 -10.99 -9.72
C LEU B 46 -2.89 -9.67 -9.91
N MET B 47 -2.80 -9.14 -11.12
CA MET B 47 -3.25 -7.80 -11.44
C MET B 47 -3.90 -7.71 -12.81
N ALA B 48 -4.71 -6.69 -12.97
CA ALA B 48 -5.24 -6.31 -14.27
C ALA B 48 -5.17 -4.86 -14.37
N PHE B 49 -4.95 -4.40 -15.62
CA PHE B 49 -4.99 -3.01 -15.97
C PHE B 49 -5.87 -2.89 -17.21
N GLY B 50 -6.96 -2.14 -17.11
CA GLY B 50 -7.91 -2.02 -18.23
C GLY B 50 -8.47 -3.35 -18.56
N GLY B 51 -8.66 -4.20 -17.57
CA GLY B 51 -9.27 -5.51 -17.81
C GLY B 51 -8.38 -6.58 -18.30
N SER B 52 -7.14 -6.35 -18.48
CA SER B 52 -6.09 -7.16 -19.06
C SER B 52 -4.99 -7.51 -18.08
N SER B 53 -4.52 -8.75 -18.17
CA SER B 53 -3.41 -9.28 -17.35
C SER B 53 -2.07 -9.06 -18.05
N GLU B 54 -2.03 -8.27 -19.13
CA GLU B 54 -0.76 -7.97 -19.80
C GLU B 54 0.14 -7.18 -18.81
N PRO B 55 1.44 -7.13 -19.04
CA PRO B 55 2.35 -6.51 -18.06
C PRO B 55 1.94 -5.13 -17.70
N CYS B 56 1.92 -4.88 -16.38
CA CYS B 56 1.49 -3.57 -15.90
C CYS B 56 2.21 -3.31 -14.56
N ALA B 57 2.06 -2.09 -14.08
CA ALA B 57 2.61 -1.78 -12.72
C ALA B 57 1.75 -0.76 -12.05
N LEU B 58 1.65 -0.92 -10.70
CA LEU B 58 0.99 0.04 -9.81
C LEU B 58 2.05 0.45 -8.79
N CYS B 59 2.33 1.73 -8.74
CA CYS B 59 3.48 2.22 -7.98
C CYS B 59 3.09 3.36 -7.09
N SER B 60 3.97 3.67 -6.13
CA SER B 60 3.80 4.83 -5.27
C SER B 60 5.18 5.45 -4.99
N LEU B 61 5.17 6.76 -4.87
CA LEU B 61 6.37 7.51 -4.38
C LEU B 61 5.89 8.42 -3.23
N HIS B 62 6.42 8.18 -2.02
CA HIS B 62 6.15 9.03 -0.89
C HIS B 62 7.39 9.85 -0.57
N SER B 63 7.19 11.13 -0.35
CA SER B 63 8.29 12.02 0.08
C SER B 63 7.78 13.11 0.97
N ILE B 64 8.62 13.60 1.90
CA ILE B 64 8.30 14.83 2.64
C ILE B 64 8.78 15.98 1.78
N GLY B 65 7.84 16.63 1.15
CA GLY B 65 8.17 17.56 0.05
C GLY B 65 8.74 16.92 -1.18
N LYS B 66 9.26 17.76 -2.11
CA LYS B 66 9.82 17.29 -3.37
C LYS B 66 8.69 16.62 -4.22
N ILE B 67 7.44 17.04 -3.95
CA ILE B 67 6.26 16.55 -4.68
C ILE B 67 5.55 17.78 -5.24
N GLY B 68 5.19 17.73 -6.51
CA GLY B 68 4.36 18.82 -7.03
C GLY B 68 4.19 18.64 -8.51
N GLY B 69 3.49 19.60 -9.15
CA GLY B 69 3.12 19.31 -10.53
C GLY B 69 4.21 18.99 -11.50
N ALA B 70 5.19 19.89 -11.55
CA ALA B 70 6.33 19.68 -12.44
C ALA B 70 7.24 18.53 -12.02
N GLN B 71 7.53 18.46 -10.72
CA GLN B 71 8.34 17.37 -10.20
C GLN B 71 7.74 16.00 -10.50
N ASN B 72 6.43 15.92 -10.32
CA ASN B 72 5.79 14.64 -10.53
C ASN B 72 5.77 14.22 -12.03
N ARG B 73 5.68 15.19 -12.92
CA ARG B 73 5.84 14.85 -14.36
C ARG B 73 7.20 14.29 -14.66
N SER B 74 8.24 14.90 -14.08
CA SER B 74 9.59 14.43 -14.22
C SER B 74 9.83 13.05 -13.63
N TYR B 75 9.27 12.81 -12.44
CA TYR B 75 9.39 11.50 -11.82
C TYR B 75 8.71 10.45 -12.72
N SER B 76 7.59 10.83 -13.33
CA SER B 76 6.81 9.88 -14.12
C SER B 76 7.57 9.45 -15.39
N LYS B 77 8.24 10.42 -15.99
CA LYS B 77 9.07 10.11 -17.17
C LYS B 77 10.22 9.21 -16.82
N LEU B 78 10.89 9.53 -15.71
CA LEU B 78 12.03 8.76 -15.21
C LEU B 78 11.61 7.32 -14.91
N LEU B 79 10.55 7.19 -14.09
CA LEU B 79 10.17 5.90 -13.62
C LEU B 79 9.47 5.01 -14.66
N CYS B 80 8.59 5.58 -15.46
CA CYS B 80 8.07 4.85 -16.62
C CYS B 80 9.17 4.40 -17.55
N GLY B 81 10.18 5.25 -17.71
CA GLY B 81 11.32 4.84 -18.52
C GLY B 81 12.06 3.67 -18.02
N LEU B 82 12.34 3.64 -16.68
CA LEU B 82 12.97 2.53 -16.08
C LEU B 82 12.12 1.24 -16.18
N LEU B 83 10.80 1.38 -15.95
CA LEU B 83 9.97 0.21 -15.96
C LEU B 83 9.85 -0.36 -17.40
N ALA B 84 9.85 0.53 -18.39
CA ALA B 84 9.82 0.11 -19.81
C ALA B 84 11.14 -0.60 -20.19
N GLU B 85 12.28 0.05 -19.86
CA GLU B 85 13.60 -0.51 -20.24
C GLU B 85 13.93 -1.80 -19.50
N ARG B 86 13.67 -1.85 -18.18
CA ARG B 86 14.17 -2.92 -17.38
C ARG B 86 13.17 -4.05 -17.24
N LEU B 87 11.87 -3.71 -17.13
CA LEU B 87 10.86 -4.73 -16.91
C LEU B 87 9.97 -4.98 -18.12
N ARG B 88 10.18 -4.22 -19.18
CA ARG B 88 9.44 -4.31 -20.43
C ARG B 88 7.93 -4.05 -20.21
N ILE B 89 7.63 -3.11 -19.30
CA ILE B 89 6.25 -2.68 -19.12
C ILE B 89 5.97 -1.42 -19.88
N SER B 90 4.91 -1.43 -20.68
CA SER B 90 4.50 -0.23 -21.35
C SER B 90 4.11 0.93 -20.44
N PRO B 91 4.62 2.16 -20.70
CA PRO B 91 4.25 3.33 -19.89
C PRO B 91 2.79 3.57 -19.72
N ASP B 92 1.99 3.13 -20.68
CA ASP B 92 0.52 3.38 -20.62
C ASP B 92 -0.18 2.33 -19.75
N ARG B 93 0.59 1.42 -19.14
CA ARG B 93 0.02 0.39 -18.27
C ARG B 93 0.69 0.54 -16.88
N VAL B 94 1.02 1.76 -16.58
CA VAL B 94 1.66 2.14 -15.27
C VAL B 94 0.85 3.23 -14.65
N TYR B 95 0.50 3.09 -13.36
CA TYR B 95 0.04 4.22 -12.56
C TYR B 95 1.04 4.45 -11.43
N ILE B 96 1.34 5.70 -11.17
CA ILE B 96 2.20 6.04 -10.02
C ILE B 96 1.43 7.02 -9.16
N ASN B 97 1.16 6.70 -7.90
CA ASN B 97 0.56 7.63 -7.02
C ASN B 97 1.65 8.37 -6.18
N TYR B 98 1.54 9.71 -6.14
CA TYR B 98 2.50 10.57 -5.43
C TYR B 98 1.88 11.05 -4.16
N TYR B 99 2.67 11.03 -3.07
CA TYR B 99 2.21 11.46 -1.78
C TYR B 99 3.24 12.43 -1.15
N ASP B 100 2.79 13.63 -0.87
CA ASP B 100 3.53 14.63 -0.13
C ASP B 100 3.17 14.48 1.33
N MET B 101 4.07 13.81 2.08
CA MET B 101 3.80 13.53 3.48
C MET B 101 4.23 14.68 4.40
N ASN B 102 3.45 14.97 5.41
CA ASN B 102 3.84 15.87 6.45
C ASN B 102 4.93 15.17 7.29
N ALA B 103 6.00 15.89 7.71
CA ALA B 103 7.06 15.29 8.53
C ALA B 103 6.53 14.66 9.83
N ALA B 104 5.48 15.25 10.40
CA ALA B 104 4.89 14.70 11.62
C ALA B 104 4.20 13.35 11.41
N ASN B 105 3.92 13.02 10.15
CA ASN B 105 3.23 11.79 9.75
C ASN B 105 4.16 10.73 9.17
N VAL B 106 5.46 10.89 9.39
CA VAL B 106 6.45 9.90 8.95
C VAL B 106 7.33 9.50 10.10
N GLY B 107 7.15 8.26 10.54
CA GLY B 107 7.96 7.68 11.59
C GLY B 107 9.23 7.02 11.08
N TRP B 108 10.27 7.13 11.90
CA TRP B 108 11.63 6.62 11.61
C TRP B 108 12.42 6.64 12.90
N ASN B 109 13.19 5.61 13.14
CA ASN B 109 14.12 5.61 14.25
C ASN B 109 13.53 6.07 15.57
N ASN B 110 12.40 5.48 15.91
CA ASN B 110 11.73 5.65 17.19
C ASN B 110 11.02 6.97 17.38
N SER B 111 10.98 7.77 16.35
CA SER B 111 10.32 9.06 16.45
C SER B 111 9.75 9.45 15.08
N THR B 112 9.52 10.73 14.80
CA THR B 112 9.09 11.14 13.49
C THR B 112 10.06 12.20 12.98
N PHE B 113 9.88 12.58 11.74
CA PHE B 113 10.73 13.62 11.16
C PHE B 113 10.33 15.03 11.58
N ALA B 114 9.26 15.27 12.31
CA ALA B 114 8.93 16.64 12.68
C ALA B 114 9.99 17.27 13.53
N PRO C 1 -9.01 4.61 -11.96
CA PRO C 1 -9.16 4.18 -10.56
C PRO C 1 -8.41 2.91 -10.31
N MET C 2 -8.03 2.68 -9.06
CA MET C 2 -7.16 1.59 -8.71
C MET C 2 -7.70 0.93 -7.46
N PHE C 3 -7.99 -0.35 -7.54
CA PHE C 3 -8.51 -1.11 -6.41
C PHE C 3 -7.56 -2.19 -6.05
N ILE C 4 -7.16 -2.24 -4.77
CA ILE C 4 -6.26 -3.25 -4.27
C ILE C 4 -6.93 -3.98 -3.10
N VAL C 5 -6.87 -5.29 -3.14
CA VAL C 5 -7.37 -6.13 -2.02
C VAL C 5 -6.26 -7.04 -1.57
N ASN C 6 -5.94 -6.94 -0.29
CA ASN C 6 -5.04 -7.85 0.37
C ASN C 6 -5.85 -8.74 1.31
N THR C 7 -5.65 -10.04 1.21
CA THR C 7 -6.47 -11.00 1.95
C THR C 7 -5.66 -12.23 2.36
N ASN C 8 -6.11 -12.91 3.42
CA ASN C 8 -5.59 -14.14 3.94
C ASN C 8 -6.28 -15.37 3.24
N VAL C 9 -7.26 -15.14 2.40
CA VAL C 9 -7.91 -16.22 1.58
C VAL C 9 -6.85 -16.80 0.68
N PRO C 10 -6.85 -18.14 0.55
CA PRO C 10 -5.83 -18.68 -0.38
C PRO C 10 -6.07 -18.40 -1.83
N ARG C 11 -5.00 -18.42 -2.64
CA ARG C 11 -5.10 -18.11 -4.07
C ARG C 11 -6.10 -19.01 -4.81
N ALA C 12 -6.14 -20.27 -4.40
CA ALA C 12 -7.07 -21.19 -5.06
C ALA C 12 -8.53 -20.84 -4.86
N SER C 13 -8.87 -20.09 -3.83
CA SER C 13 -10.22 -19.61 -3.61
C SER C 13 -10.66 -18.39 -4.39
N VAL C 14 -9.76 -17.76 -5.13
CA VAL C 14 -10.09 -16.64 -5.97
C VAL C 14 -10.63 -17.20 -7.30
N PRO C 15 -11.86 -16.87 -7.63
CA PRO C 15 -12.43 -17.52 -8.82
C PRO C 15 -11.88 -16.98 -10.11
N ASP C 16 -11.86 -17.85 -11.17
CA ASP C 16 -11.54 -17.34 -12.48
C ASP C 16 -12.45 -16.19 -12.86
N GLY C 17 -11.84 -15.17 -13.46
CA GLY C 17 -12.50 -13.96 -13.87
C GLY C 17 -12.76 -12.88 -12.80
N PHE C 18 -12.37 -13.18 -11.57
CA PHE C 18 -12.62 -12.21 -10.47
C PHE C 18 -12.08 -10.83 -10.80
N LEU C 19 -10.89 -10.74 -11.41
CA LEU C 19 -10.34 -9.38 -11.64
C LEU C 19 -11.16 -8.67 -12.72
N SER C 20 -11.68 -9.42 -13.70
CA SER C 20 -12.61 -8.79 -14.67
C SER C 20 -13.94 -8.37 -14.06
N GLU C 21 -14.44 -9.14 -13.11
CA GLU C 21 -15.67 -8.79 -12.45
C GLU C 21 -15.48 -7.46 -11.70
N LEU C 22 -14.36 -7.36 -10.95
CA LEU C 22 -14.09 -6.15 -10.23
C LEU C 22 -13.97 -4.98 -11.19
N THR C 23 -13.27 -5.18 -12.29
CA THR C 23 -13.06 -4.14 -13.27
C THR C 23 -14.37 -3.59 -13.84
N GLN C 24 -15.27 -4.50 -14.15
CA GLN C 24 -16.59 -4.08 -14.65
C GLN C 24 -17.39 -3.31 -13.60
N GLN C 25 -17.44 -3.87 -12.40
CA GLN C 25 -18.29 -3.30 -11.38
C GLN C 25 -17.75 -1.95 -10.96
N LEU C 26 -16.44 -1.82 -10.88
CA LEU C 26 -15.85 -0.52 -10.57
C LEU C 26 -16.01 0.50 -11.66
N ALA C 27 -15.92 0.09 -12.92
CA ALA C 27 -16.24 1.00 -14.01
C ALA C 27 -17.66 1.55 -13.95
N GLN C 28 -18.64 0.66 -13.72
CA GLN C 28 -20.01 1.07 -13.60
C GLN C 28 -20.29 1.94 -12.40
N ALA C 29 -19.64 1.62 -11.30
CA ALA C 29 -19.89 2.37 -10.03
C ALA C 29 -19.31 3.76 -10.07
N THR C 30 -18.12 3.90 -10.60
CA THR C 30 -17.40 5.19 -10.65
C THR C 30 -17.79 5.98 -11.89
N GLY C 31 -18.35 5.31 -12.89
CA GLY C 31 -18.56 5.95 -14.17
C GLY C 31 -17.33 6.22 -15.04
N LYS C 32 -16.21 5.64 -14.66
CA LYS C 32 -14.99 5.78 -15.42
C LYS C 32 -14.86 4.62 -16.45
N PRO C 33 -14.19 4.84 -17.57
CA PRO C 33 -13.98 3.72 -18.50
C PRO C 33 -13.31 2.48 -17.93
N PRO C 34 -13.75 1.30 -18.28
CA PRO C 34 -13.08 0.09 -17.75
C PRO C 34 -11.59 -0.01 -18.14
N GLN C 35 -11.23 0.57 -19.28
CA GLN C 35 -9.84 0.59 -19.72
C GLN C 35 -8.91 1.33 -18.72
N TYR C 36 -9.49 2.19 -17.86
CA TYR C 36 -8.75 3.05 -16.90
C TYR C 36 -8.72 2.45 -15.48
N ILE C 37 -9.33 1.32 -15.32
CA ILE C 37 -9.48 0.71 -14.01
C ILE C 37 -8.35 -0.28 -13.89
N ALA C 38 -7.64 -0.25 -12.74
CA ALA C 38 -6.67 -1.22 -12.47
C ALA C 38 -7.10 -1.94 -11.14
N VAL C 39 -6.83 -3.23 -11.08
CA VAL C 39 -7.20 -4.09 -9.94
C VAL C 39 -6.06 -5.01 -9.60
N HIS C 40 -5.88 -5.23 -8.30
CA HIS C 40 -4.78 -5.95 -7.80
C HIS C 40 -5.23 -6.74 -6.59
N VAL C 41 -5.11 -8.04 -6.67
CA VAL C 41 -5.60 -8.97 -5.64
C VAL C 41 -4.42 -9.74 -5.11
N VAL C 42 -4.24 -9.70 -3.76
CA VAL C 42 -3.09 -10.29 -3.11
C VAL C 42 -3.54 -11.30 -2.08
N PRO C 43 -3.61 -12.61 -2.42
CA PRO C 43 -4.05 -13.64 -1.50
C PRO C 43 -2.96 -14.16 -0.62
N ASP C 44 -3.31 -15.14 0.23
CA ASP C 44 -2.36 -15.87 1.03
C ASP C 44 -1.57 -14.98 2.03
N GLN C 45 -2.17 -13.86 2.43
CA GLN C 45 -1.46 -12.91 3.33
C GLN C 45 -1.57 -13.29 4.80
N LEU C 46 -0.54 -12.90 5.53
CA LEU C 46 -0.46 -13.10 6.95
C LEU C 46 -1.09 -11.91 7.62
N MET C 47 -2.34 -12.08 8.05
CA MET C 47 -3.18 -11.00 8.54
C MET C 47 -4.01 -11.39 9.74
N ALA C 48 -4.40 -10.39 10.50
CA ALA C 48 -5.40 -10.57 11.54
C ALA C 48 -6.28 -9.35 11.53
N PHE C 49 -7.55 -9.57 11.92
CA PHE C 49 -8.58 -8.54 11.98
C PHE C 49 -9.28 -8.82 13.30
N GLY C 50 -9.23 -7.84 14.20
CA GLY C 50 -9.79 -8.02 15.53
C GLY C 50 -9.13 -9.14 16.33
N GLY C 51 -7.89 -9.41 16.01
CA GLY C 51 -7.09 -10.42 16.68
C GLY C 51 -7.23 -11.80 16.08
N SER C 52 -8.11 -11.97 15.09
CA SER C 52 -8.52 -13.24 14.53
C SER C 52 -7.96 -13.38 13.11
N SER C 53 -7.55 -14.60 12.79
CA SER C 53 -7.08 -15.00 11.45
C SER C 53 -8.16 -15.62 10.57
N GLU C 54 -9.44 -15.47 10.91
CA GLU C 54 -10.52 -15.82 10.04
C GLU C 54 -10.45 -14.96 8.79
N PRO C 55 -11.07 -15.35 7.69
CA PRO C 55 -10.94 -14.58 6.44
C PRO C 55 -11.26 -13.11 6.62
N CYS C 56 -10.38 -12.28 6.08
CA CYS C 56 -10.53 -10.81 6.17
C CYS C 56 -9.87 -10.17 4.95
N ALA C 57 -10.10 -8.88 4.82
CA ALA C 57 -9.47 -8.12 3.75
C ALA C 57 -9.19 -6.71 4.12
N LEU C 58 -8.05 -6.20 3.60
CA LEU C 58 -7.69 -4.82 3.71
C LEU C 58 -7.53 -4.29 2.30
N CYS C 59 -8.31 -3.25 2.00
CA CYS C 59 -8.41 -2.81 0.60
C CYS C 59 -8.20 -1.31 0.49
N SER C 60 -7.97 -0.85 -0.74
CA SER C 60 -7.98 0.60 -1.04
C SER C 60 -8.59 0.82 -2.41
N LEU C 61 -9.24 1.95 -2.53
CA LEU C 61 -9.68 2.50 -3.81
C LEU C 61 -9.20 3.88 -3.97
N HIS C 62 -8.40 4.14 -5.02
CA HIS C 62 -7.92 5.46 -5.36
C HIS C 62 -8.64 5.88 -6.65
N SER C 63 -9.05 7.10 -6.70
CA SER C 63 -9.66 7.67 -7.92
C SER C 63 -9.38 9.16 -7.96
N ILE C 64 -9.31 9.71 -9.21
CA ILE C 64 -9.25 11.14 -9.33
C ILE C 64 -10.70 11.60 -9.40
N GLY C 65 -11.22 12.09 -8.29
CA GLY C 65 -12.64 12.36 -8.09
C GLY C 65 -13.52 11.13 -7.96
N LYS C 66 -14.84 11.34 -7.92
CA LYS C 66 -15.80 10.28 -7.74
C LYS C 66 -15.64 9.60 -6.38
N ILE C 67 -15.11 10.38 -5.43
CA ILE C 67 -14.94 9.93 -4.04
C ILE C 67 -15.72 10.88 -3.18
N GLY C 68 -16.54 10.38 -2.30
CA GLY C 68 -17.30 11.25 -1.39
C GLY C 68 -18.22 10.46 -0.52
N GLY C 69 -18.96 11.11 0.34
CA GLY C 69 -19.70 10.42 1.35
C GLY C 69 -20.67 9.36 0.84
N ALA C 70 -21.57 9.79 -0.05
CA ALA C 70 -22.55 8.86 -0.62
C ALA C 70 -21.93 7.85 -1.60
N GLN C 71 -21.02 8.34 -2.41
CA GLN C 71 -20.33 7.47 -3.35
C GLN C 71 -19.58 6.36 -2.63
N ASN C 72 -18.91 6.75 -1.54
CA ASN C 72 -18.13 5.71 -0.82
C ASN C 72 -19.01 4.69 -0.12
N ARG C 73 -20.19 5.12 0.40
CA ARG C 73 -21.10 4.15 0.92
C ARG C 73 -21.55 3.13 -0.11
N SER C 74 -21.82 3.63 -1.31
CA SER C 74 -22.21 2.77 -2.43
C SER C 74 -21.08 1.84 -2.86
N TYR C 75 -19.86 2.37 -2.94
CA TYR C 75 -18.74 1.47 -3.24
C TYR C 75 -18.55 0.40 -2.20
N SER C 76 -18.78 0.75 -0.91
CA SER C 76 -18.57 -0.20 0.16
C SER C 76 -19.54 -1.36 0.06
N LYS C 77 -20.78 -1.02 -0.23
CA LYS C 77 -21.79 -2.09 -0.37
C LYS C 77 -21.46 -3.00 -1.53
N LEU C 78 -21.05 -2.38 -2.62
CA LEU C 78 -20.68 -3.13 -3.84
C LEU C 78 -19.50 -4.07 -3.58
N LEU C 79 -18.45 -3.49 -2.99
CA LEU C 79 -17.20 -4.24 -2.84
C LEU C 79 -17.25 -5.26 -1.75
N CYS C 80 -17.88 -4.96 -0.62
CA CYS C 80 -18.08 -5.99 0.39
C CYS C 80 -18.96 -7.10 -0.13
N GLY C 81 -19.93 -6.75 -0.98
CA GLY C 81 -20.81 -7.76 -1.58
C GLY C 81 -20.04 -8.74 -2.49
N LEU C 82 -19.14 -8.21 -3.27
CA LEU C 82 -18.22 -9.05 -4.11
C LEU C 82 -17.25 -9.88 -3.30
N LEU C 83 -16.65 -9.30 -2.23
CA LEU C 83 -15.76 -10.07 -1.43
C LEU C 83 -16.48 -11.19 -0.64
N ALA C 84 -17.72 -10.92 -0.17
CA ALA C 84 -18.53 -11.94 0.52
C ALA C 84 -18.93 -13.06 -0.48
N GLU C 85 -19.43 -12.66 -1.64
CA GLU C 85 -19.97 -13.69 -2.62
C GLU C 85 -18.84 -14.50 -3.20
N ARG C 86 -17.75 -13.85 -3.57
CA ARG C 86 -16.70 -14.52 -4.39
C ARG C 86 -15.59 -15.08 -3.54
N LEU C 87 -15.21 -14.40 -2.43
CA LEU C 87 -14.11 -14.86 -1.57
C LEU C 87 -14.51 -15.36 -0.20
N ARG C 88 -15.81 -15.33 0.07
CA ARG C 88 -16.39 -15.82 1.31
C ARG C 88 -15.86 -15.05 2.53
N ILE C 89 -15.64 -13.76 2.33
CA ILE C 89 -15.18 -12.88 3.45
C ILE C 89 -16.34 -12.07 4.03
N SER C 90 -16.53 -12.17 5.31
CA SER C 90 -17.58 -11.39 5.98
C SER C 90 -17.39 -9.91 5.79
N PRO C 91 -18.43 -9.15 5.43
CA PRO C 91 -18.31 -7.72 5.32
C PRO C 91 -17.79 -7.03 6.56
N ASP C 92 -18.00 -7.60 7.74
CA ASP C 92 -17.51 -6.96 8.99
C ASP C 92 -16.02 -7.25 9.26
N ARG C 93 -15.36 -7.94 8.32
CA ARG C 93 -13.92 -8.19 8.43
C ARG C 93 -13.24 -7.63 7.20
N VAL C 94 -13.76 -6.52 6.66
CA VAL C 94 -13.18 -5.79 5.53
C VAL C 94 -13.02 -4.32 5.91
N TYR C 95 -11.85 -3.74 5.70
CA TYR C 95 -11.69 -2.28 5.64
C TYR C 95 -11.33 -1.88 4.22
N ILE C 96 -11.90 -0.78 3.74
CA ILE C 96 -11.61 -0.18 2.47
C ILE C 96 -11.23 1.29 2.70
N ASN C 97 -10.00 1.69 2.42
CA ASN C 97 -9.63 3.08 2.49
C ASN C 97 -9.81 3.71 1.09
N TYR C 98 -10.49 4.85 1.10
CA TYR C 98 -10.80 5.63 -0.12
C TYR C 98 -9.89 6.83 -0.19
N TYR C 99 -9.36 7.11 -1.38
CA TYR C 99 -8.43 8.18 -1.60
C TYR C 99 -8.90 8.94 -2.88
N ASP C 100 -9.21 10.22 -2.68
CA ASP C 100 -9.46 11.15 -3.76
C ASP C 100 -8.07 11.78 -4.15
N MET C 101 -7.52 11.36 -5.25
CA MET C 101 -6.24 11.77 -5.69
C MET C 101 -6.39 13.06 -6.51
N ASN C 102 -5.53 14.01 -6.25
CA ASN C 102 -5.30 15.13 -7.17
C ASN C 102 -4.65 14.64 -8.44
N ALA C 103 -5.12 15.11 -9.62
CA ALA C 103 -4.59 14.64 -10.91
C ALA C 103 -3.10 14.88 -11.07
N ALA C 104 -2.61 15.93 -10.44
CA ALA C 104 -1.16 16.23 -10.45
C ALA C 104 -0.32 15.23 -9.66
N ASN C 105 -1.00 14.41 -8.85
CA ASN C 105 -0.36 13.37 -8.05
C ASN C 105 -0.55 11.95 -8.55
N VAL C 106 -0.97 11.81 -9.82
CA VAL C 106 -1.13 10.51 -10.47
C VAL C 106 -0.35 10.53 -11.75
N GLY C 107 0.70 9.75 -11.77
CA GLY C 107 1.48 9.47 -12.95
C GLY C 107 0.96 8.35 -13.82
N TRP C 108 1.14 8.51 -15.12
CA TRP C 108 0.72 7.56 -16.13
C TRP C 108 1.37 7.92 -17.48
N ASN C 109 1.84 6.93 -18.22
CA ASN C 109 2.36 7.16 -19.58
C ASN C 109 3.30 8.37 -19.68
N ASN C 110 4.31 8.36 -18.81
CA ASN C 110 5.36 9.38 -18.85
C ASN C 110 4.97 10.79 -18.40
N SER C 111 3.80 10.96 -17.80
CA SER C 111 3.44 12.23 -17.33
C SER C 111 2.48 12.04 -16.16
N THR C 112 1.77 13.06 -15.83
CA THR C 112 0.68 13.06 -14.87
C THR C 112 -0.63 13.50 -15.52
N PHE C 113 -1.74 13.24 -14.85
CA PHE C 113 -3.09 13.62 -15.37
C PHE C 113 -3.45 15.11 -15.27
N ALA C 114 -2.62 15.94 -14.67
CA ALA C 114 -2.94 17.33 -14.53
C ALA C 114 -2.90 18.01 -15.91
C1 GOL D . -9.69 2.99 10.56
O1 GOL D . -9.39 3.19 11.93
C2 GOL D . -8.62 2.12 9.92
O2 GOL D . -8.59 0.78 10.50
C3 GOL D . -8.80 1.98 8.41
O3 GOL D . -8.58 3.24 7.84
S SO4 E . -1.06 15.09 19.19
O1 SO4 E . -2.06 15.67 18.27
O2 SO4 E . -1.58 15.04 20.56
O3 SO4 E . -0.78 13.68 18.67
O4 SO4 E . 0.19 15.93 19.17
CLA 30Y F . -14.27 4.48 17.19
CAU 30Y F . -14.67 5.29 15.69
CAL 30Y F . -14.97 6.69 15.74
CAI 30Y F . -15.35 7.34 14.57
CAJ 30Y F . -15.31 6.59 13.34
CAN 30Y F . -15.05 5.28 13.27
CAW 30Y F . -14.66 4.66 14.51
NAR 30Y F . -14.38 3.35 14.52
CAT 30Y F . -13.24 2.89 14.03
SAC 30Y F . -11.87 3.87 13.95
CAY 30Y F . -13.06 1.45 13.78
CAH 30Y F . -11.85 1.05 13.03
NAA 30Y F . -10.97 0.76 12.44
CAS 30Y F . -14.24 0.50 13.83
OAB 30Y F . -15.32 0.82 14.41
NAQ 30Y F . -13.92 -0.82 13.52
CAV 30Y F . -14.70 -1.93 13.84
CAP 30Y F . -15.82 -1.97 14.70
CAX 30Y F . -16.51 -3.18 15.00
CAZ 30Y F . -17.69 -3.24 15.88
FAE 30Y F . -17.49 -3.85 16.90
FAF 30Y F . -18.11 -2.03 16.21
FAD 30Y F . -18.66 -3.97 15.25
CAO 30Y F . -16.09 -4.38 14.54
CAK 30Y F . -14.97 -4.39 13.72
CAM 30Y F . -14.34 -3.17 13.35
C1 GOL G . 9.74 10.15 3.38
O1 GOL G . 10.49 10.97 2.52
C2 GOL G . 9.42 8.81 2.80
O2 GOL G . 10.58 8.07 2.59
C3 GOL G . 8.44 8.05 3.69
O3 GOL G . 7.19 8.70 3.64
S SO4 H . 6.53 21.80 -8.70
O1 SO4 H . 5.62 22.17 -9.85
O2 SO4 H . 5.87 22.27 -7.48
O3 SO4 H . 6.84 20.36 -8.68
O4 SO4 H . 7.78 22.54 -8.94
CLA 30Y I . 15.61 15.77 4.26
CAU 30Y I . 14.15 15.96 5.26
CAL 30Y I . 13.51 17.28 5.37
CAI 30Y I . 12.42 17.34 6.21
CAJ 30Y I . 11.94 16.14 6.85
CAN 30Y I . 12.52 14.99 6.71
CAW 30Y I . 13.66 14.89 5.92
NAR 30Y I . 14.21 13.63 5.78
CAT 30Y I . 13.60 12.68 5.04
SAC 30Y I . 12.53 13.10 3.77
CAY 30Y I . 14.16 11.33 4.97
CAH 30Y I . 13.35 10.27 4.35
NAA 30Y I . 12.73 9.48 3.91
CAS 30Y I . 15.26 10.95 5.94
OAB 30Y I . 15.86 11.78 6.66
NAQ 30Y I . 15.67 9.64 5.84
CAV 30Y I . 16.82 9.08 6.43
CAP 30Y I . 17.96 9.86 6.71
CAX 30Y I . 19.10 9.23 7.22
CAZ 30Y I . 20.30 10.06 7.48
FAE 30Y I . 20.73 10.44 6.32
FAF 30Y I . 20.15 11.10 8.00
FAD 30Y I . 21.19 9.36 8.10
CAO 30Y I . 19.09 7.86 7.50
CAK 30Y I . 17.93 7.11 7.25
CAM 30Y I . 16.79 7.75 6.72
C1 GOL J . -6.67 7.23 -10.67
O1 GOL J . -8.04 7.27 -11.14
C2 GOL J . -6.19 5.90 -10.03
O2 GOL J . -6.26 4.77 -10.96
C3 GOL J . -4.75 6.03 -9.65
O3 GOL J . -4.63 6.68 -8.40
S SO4 K . -20.99 12.38 -2.53
O1 SO4 K . -21.89 12.49 -3.71
O2 SO4 K . -21.74 12.41 -1.21
O3 SO4 K . -20.30 11.06 -2.83
O4 SO4 K . -19.94 13.44 -2.46
#